data_5WJC
#
_entry.id   5WJC
#
_cell.length_a   154.591
_cell.length_b   154.591
_cell.length_c   52.744
_cell.angle_alpha   90.00
_cell.angle_beta   90.00
_cell.angle_gamma   90.00
#
_symmetry.space_group_name_H-M   'P 43 21 2'
#
loop_
_entity.id
_entity.type
_entity.pdbx_description
1 polymer 'Kinetochore protein Mis16'
2 polymer 'Eic1 protein'
3 water water
#
loop_
_entity_poly.entity_id
_entity_poly.type
_entity_poly.pdbx_seq_one_letter_code
_entity_poly.pdbx_strand_id
1 'polypeptide(L)'
;MSEEVVQDAPLENNELNAEIDLQKTIQEEYKLWKQNVPFLYDLVITHALEWPSLTIQWLPDKKTIPGTDYSIQRLILGTH
TSGNDQNYLQIASVQLPNFDEDTTEFTPSTIRRAQATGSYTIEISQKIPHDGDVNRARYMPQKPEIIATMGEGGNAYIFD
TTCHDALTTGEALPQAVLKGHTAEGFGLCWNPNLPGNLATGAEDQVICLWDVQTQSFTSSETKVISPIAKYHRHTDIVND
VQFHPQHEALLASVSDDCTLQIHDTRLNPEEEAPKVIQAHSKAINAVAINPFNDYLLATASADKTVALWDLRNPYQRLHT
LEGHEDEVYGLEWSPHDEPILASSSTDRRVCIWDLEKIGEEQTPEDAEDGSPELLFMHGGHTNRISEFSWCPNERWVVGS
LADDNILQIWSPSRVIWGRDHVQVSPRDLE
;
A
2 'polypeptide(L)'
;MDLMPLEKARAIEIAFDNVFHNTKIPDNLQQFDAILKRLERRRFIPTENQKPRVYETELLVLRFREFGVKDNHNHPINLH
SLRSKSLIRAQGKKLDLHNRVFLRRNVRAVKM
;
B
#
# COMPACT_ATOMS: atom_id res chain seq x y z
N GLU A 15 -8.99 22.28 -18.73
CA GLU A 15 -8.38 22.54 -20.03
C GLU A 15 -8.46 21.31 -20.95
N LEU A 16 -9.09 21.52 -22.10
CA LEU A 16 -9.25 20.45 -23.08
C LEU A 16 -7.92 20.02 -23.67
N ASN A 17 -7.04 20.99 -23.99
CA ASN A 17 -5.76 20.65 -24.58
C ASN A 17 -4.94 19.76 -23.66
N ALA A 18 -4.93 20.08 -22.35
CA ALA A 18 -4.24 19.23 -21.39
C ALA A 18 -4.78 17.80 -21.42
N GLU A 19 -6.12 17.66 -21.41
CA GLU A 19 -6.73 16.34 -21.45
C GLU A 19 -6.41 15.60 -22.75
N ILE A 20 -6.44 16.30 -23.88
CA ILE A 20 -6.06 15.68 -25.15
C ILE A 20 -4.62 15.18 -25.08
N ASP A 21 -3.71 16.01 -24.55
CA ASP A 21 -2.31 15.60 -24.47
C ASP A 21 -2.12 14.43 -23.52
N LEU A 22 -2.83 14.43 -22.39
CA LEU A 22 -2.67 13.34 -21.42
C LEU A 22 -3.09 12.00 -22.04
N GLN A 23 -4.26 11.97 -22.67
CA GLN A 23 -4.74 10.75 -23.32
C GLN A 23 -3.75 10.27 -24.38
N LYS A 24 -3.16 11.20 -25.13
CA LYS A 24 -2.25 10.80 -26.20
C LYS A 24 -0.95 10.24 -25.62
N THR A 25 -0.37 10.92 -24.62
CA THR A 25 0.88 10.44 -24.05
C THR A 25 0.71 9.10 -23.33
N ILE A 26 -0.40 8.91 -22.62
CA ILE A 26 -0.65 7.61 -21.98
C ILE A 26 -0.74 6.50 -23.02
N GLN A 27 -1.39 6.79 -24.16
CA GLN A 27 -1.49 5.77 -25.20
C GLN A 27 -0.13 5.44 -25.77
N GLU A 28 0.68 6.45 -26.05
CA GLU A 28 1.99 6.22 -26.64
C GLU A 28 2.94 5.55 -25.66
N GLU A 29 2.91 5.96 -24.39
CA GLU A 29 3.78 5.37 -23.40
C GLU A 29 3.43 3.91 -23.13
N TYR A 30 2.13 3.58 -23.11
CA TYR A 30 1.73 2.19 -22.92
C TYR A 30 2.24 1.31 -24.04
N LYS A 31 2.07 1.76 -25.30
CA LYS A 31 2.53 0.97 -26.44
C LYS A 31 4.04 0.78 -26.39
N LEU A 32 4.78 1.82 -26.02
CA LEU A 32 6.21 1.69 -25.85
C LEU A 32 6.55 0.73 -24.72
N TRP A 33 5.75 0.73 -23.64
CA TRP A 33 5.97 -0.19 -22.52
C TRP A 33 5.73 -1.64 -22.93
N LYS A 34 4.61 -1.92 -23.60
CA LYS A 34 4.34 -3.29 -24.04
C LYS A 34 5.46 -3.81 -24.93
N GLN A 35 6.04 -2.94 -25.77
CA GLN A 35 7.11 -3.39 -26.66
C GLN A 35 8.34 -3.85 -25.88
N ASN A 36 8.61 -3.24 -24.73
CA ASN A 36 9.83 -3.56 -24.01
C ASN A 36 9.61 -4.52 -22.86
N VAL A 37 8.37 -4.94 -22.61
CA VAL A 37 8.09 -5.90 -21.54
C VAL A 37 9.02 -7.11 -21.58
N PRO A 38 9.25 -7.78 -22.72
CA PRO A 38 10.13 -8.96 -22.70
C PRO A 38 11.54 -8.68 -22.18
N PHE A 39 12.03 -7.45 -22.30
CA PHE A 39 13.37 -7.07 -21.83
C PHE A 39 13.34 -6.39 -20.46
N LEU A 40 12.25 -6.52 -19.71
CA LEU A 40 12.13 -5.82 -18.44
C LEU A 40 11.66 -6.75 -17.33
N TYR A 41 10.80 -7.71 -17.67
CA TYR A 41 10.09 -8.52 -16.69
C TYR A 41 10.35 -10.00 -16.87
N ASP A 42 10.46 -10.72 -15.75
CA ASP A 42 10.30 -12.16 -15.77
C ASP A 42 8.84 -12.57 -15.74
N LEU A 43 7.94 -11.66 -15.34
CA LEU A 43 6.54 -12.00 -15.23
C LEU A 43 5.69 -10.73 -15.29
N VAL A 44 4.63 -10.75 -16.11
CA VAL A 44 3.56 -9.75 -16.11
C VAL A 44 2.23 -10.47 -16.31
N ILE A 45 1.33 -10.39 -15.33
CA ILE A 45 -0.05 -10.86 -15.46
C ILE A 45 -0.96 -9.65 -15.32
N THR A 46 -1.98 -9.59 -16.18
CA THR A 46 -2.92 -8.48 -16.19
C THR A 46 -4.33 -8.99 -16.00
N HIS A 47 -5.05 -8.42 -15.04
CA HIS A 47 -6.46 -8.77 -14.84
C HIS A 47 -7.28 -7.49 -14.86
N ALA A 48 -8.39 -7.53 -15.60
CA ALA A 48 -9.38 -6.46 -15.64
C ALA A 48 -10.43 -6.79 -14.59
N LEU A 49 -10.47 -6.01 -13.53
CA LEU A 49 -11.42 -6.23 -12.47
C LEU A 49 -12.78 -5.70 -12.87
N GLU A 50 -13.82 -6.39 -12.41
CA GLU A 50 -15.18 -5.89 -12.63
C GLU A 50 -15.38 -4.52 -11.99
N TRP A 51 -14.91 -4.35 -10.75
CA TRP A 51 -14.98 -3.04 -10.11
C TRP A 51 -13.60 -2.59 -9.68
N PRO A 52 -13.27 -1.31 -9.86
CA PRO A 52 -11.98 -0.81 -9.41
C PRO A 52 -11.87 -0.90 -7.89
N SER A 53 -10.64 -1.04 -7.41
CA SER A 53 -10.37 -1.22 -5.99
C SER A 53 -9.42 -0.13 -5.51
N LEU A 54 -9.71 0.43 -4.35
CA LEU A 54 -8.79 1.39 -3.74
C LEU A 54 -7.68 0.71 -2.93
N THR A 55 -7.77 -0.59 -2.68
CA THR A 55 -6.90 -1.23 -1.70
C THR A 55 -6.48 -2.59 -2.22
N ILE A 56 -5.27 -3.03 -1.84
CA ILE A 56 -4.83 -4.38 -2.17
C ILE A 56 -3.87 -4.89 -1.10
N GLN A 57 -3.97 -6.17 -0.77
CA GLN A 57 -3.03 -6.79 0.16
C GLN A 57 -3.02 -8.29 -0.11
N TRP A 58 -1.81 -8.84 -0.27
CA TRP A 58 -1.65 -10.28 -0.35
C TRP A 58 -2.00 -10.91 1.00
N LEU A 59 -2.82 -11.93 0.96
CA LEU A 59 -2.94 -12.79 2.14
C LEU A 59 -1.68 -13.64 2.29
N PRO A 60 -1.36 -14.09 3.50
CA PRO A 60 -0.05 -14.73 3.74
C PRO A 60 0.09 -16.17 3.25
N ASP A 61 -0.99 -16.81 2.80
CA ASP A 61 -1.00 -18.24 2.46
C ASP A 61 -0.67 -18.47 0.99
N LYS A 62 0.06 -19.57 0.74
CA LYS A 62 0.38 -20.05 -0.60
C LYS A 62 0.02 -21.54 -0.72
N LYS A 63 -0.57 -21.93 -1.84
CA LYS A 63 -1.04 -23.29 -2.05
C LYS A 63 -0.35 -23.86 -3.29
N THR A 64 0.69 -24.66 -3.09
CA THR A 64 1.29 -25.37 -4.22
C THR A 64 0.30 -26.37 -4.79
N ILE A 65 0.19 -26.40 -6.12
CA ILE A 65 -0.60 -27.44 -6.78
C ILE A 65 0.35 -28.51 -7.29
N PRO A 66 0.50 -29.63 -6.61
CA PRO A 66 1.58 -30.57 -6.99
C PRO A 66 1.33 -31.15 -8.37
N GLY A 67 2.43 -31.48 -9.05
CA GLY A 67 2.34 -31.97 -10.41
C GLY A 67 2.12 -30.89 -11.45
N THR A 68 2.52 -29.66 -11.14
CA THR A 68 2.09 -28.48 -11.86
C THR A 68 3.17 -27.43 -11.67
N ASP A 69 3.18 -26.42 -12.53
CA ASP A 69 4.18 -25.36 -12.41
C ASP A 69 3.60 -24.06 -11.85
N TYR A 70 2.47 -24.13 -11.15
CA TYR A 70 1.87 -22.94 -10.55
C TYR A 70 1.44 -23.22 -9.11
N SER A 71 1.11 -22.13 -8.41
CA SER A 71 0.50 -22.16 -7.10
C SER A 71 -0.69 -21.21 -7.09
N ILE A 72 -1.46 -21.26 -6.01
CA ILE A 72 -2.62 -20.39 -5.82
C ILE A 72 -2.32 -19.48 -4.65
N GLN A 73 -2.47 -18.18 -4.87
CA GLN A 73 -2.29 -17.19 -3.82
C GLN A 73 -3.50 -16.26 -3.83
N ARG A 74 -3.62 -15.44 -2.79
CA ARG A 74 -4.86 -14.69 -2.61
C ARG A 74 -4.58 -13.24 -2.27
N LEU A 75 -5.50 -12.37 -2.70
CA LEU A 75 -5.39 -10.93 -2.51
C LEU A 75 -6.67 -10.39 -1.93
N ILE A 76 -6.55 -9.36 -1.10
CA ILE A 76 -7.70 -8.65 -0.55
C ILE A 76 -7.96 -7.43 -1.41
N LEU A 77 -9.20 -7.29 -1.87
CA LEU A 77 -9.63 -6.16 -2.69
C LEU A 77 -10.89 -5.58 -2.08
N GLY A 78 -11.25 -4.39 -2.55
CA GLY A 78 -12.52 -3.81 -2.23
C GLY A 78 -13.10 -3.14 -3.47
N THR A 79 -14.23 -2.48 -3.28
CA THR A 79 -14.89 -1.74 -4.34
C THR A 79 -15.06 -0.29 -3.91
N HIS A 80 -15.37 0.58 -4.88
CA HIS A 80 -15.79 1.92 -4.49
C HIS A 80 -16.79 2.43 -5.54
N THR A 81 -18.03 1.97 -5.40
CA THR A 81 -19.09 2.33 -6.34
C THR A 81 -19.48 3.80 -6.24
N SER A 82 -19.15 4.45 -5.13
CA SER A 82 -19.43 5.87 -4.82
C SER A 82 -20.88 6.12 -4.42
N GLY A 83 -21.60 5.11 -3.91
CA GLY A 83 -22.96 5.26 -3.43
C GLY A 83 -24.03 4.71 -4.36
N ASN A 84 -23.68 4.39 -5.60
CA ASN A 84 -24.63 3.81 -6.54
C ASN A 84 -25.09 2.44 -6.05
N ASP A 85 -24.20 1.47 -6.07
CA ASP A 85 -24.52 0.07 -5.82
C ASP A 85 -23.85 -0.42 -4.54
N GLN A 86 -24.11 -1.69 -4.23
CA GLN A 86 -23.55 -2.34 -3.05
C GLN A 86 -22.03 -2.42 -3.15
N ASN A 87 -21.35 -2.06 -2.07
CA ASN A 87 -19.90 -2.20 -2.02
C ASN A 87 -19.53 -3.57 -1.44
N TYR A 88 -18.34 -4.06 -1.77
CA TYR A 88 -17.94 -5.39 -1.33
C TYR A 88 -16.48 -5.41 -0.93
N LEU A 89 -16.19 -6.13 0.14
CA LEU A 89 -14.86 -6.64 0.42
C LEU A 89 -14.71 -7.95 -0.34
N GLN A 90 -13.64 -8.08 -1.11
CA GLN A 90 -13.46 -9.25 -1.96
C GLN A 90 -12.12 -9.91 -1.69
N ILE A 91 -12.08 -11.21 -1.94
CA ILE A 91 -10.86 -11.99 -1.90
C ILE A 91 -10.70 -12.66 -3.26
N ALA A 92 -9.60 -12.34 -3.94
CA ALA A 92 -9.30 -12.91 -5.24
C ALA A 92 -8.25 -14.01 -5.11
N SER A 93 -8.46 -15.12 -5.82
CA SER A 93 -7.48 -16.19 -5.93
C SER A 93 -6.76 -16.06 -7.27
N VAL A 94 -5.43 -16.10 -7.25
CA VAL A 94 -4.61 -15.88 -8.43
C VAL A 94 -3.61 -17.01 -8.57
N GLN A 95 -3.47 -17.54 -9.78
CA GLN A 95 -2.40 -18.50 -10.07
C GLN A 95 -1.08 -17.78 -10.26
N LEU A 96 -0.01 -18.37 -9.75
CA LEU A 96 1.31 -17.79 -9.92
C LEU A 96 2.28 -18.86 -10.40
N PRO A 97 3.16 -18.52 -11.33
CA PRO A 97 4.18 -19.49 -11.77
C PRO A 97 5.07 -19.91 -10.62
N ASN A 98 5.48 -21.18 -10.63
CA ASN A 98 6.36 -21.73 -9.60
C ASN A 98 7.79 -21.84 -10.13
N SER A 119 0.32 -19.24 -14.14
CA SER A 119 0.49 -17.82 -14.41
C SER A 119 -0.80 -17.05 -14.74
N TYR A 120 -1.93 -17.72 -15.01
CA TYR A 120 -2.94 -17.13 -15.89
C TYR A 120 -4.15 -16.55 -15.17
N THR A 121 -4.87 -17.34 -14.39
CA THR A 121 -6.25 -16.99 -14.07
C THR A 121 -6.37 -16.18 -12.77
N ILE A 122 -7.54 -15.52 -12.65
CA ILE A 122 -7.99 -14.83 -11.46
C ILE A 122 -9.43 -15.25 -11.21
N GLU A 123 -9.81 -15.30 -9.95
CA GLU A 123 -11.23 -15.43 -9.68
C GLU A 123 -11.54 -14.84 -8.33
N ILE A 124 -12.68 -14.16 -8.24
CA ILE A 124 -13.15 -13.66 -6.97
C ILE A 124 -13.73 -14.86 -6.24
N SER A 125 -13.04 -15.33 -5.21
CA SER A 125 -13.50 -16.49 -4.48
C SER A 125 -14.33 -16.14 -3.27
N GLN A 126 -14.41 -14.86 -2.91
CA GLN A 126 -15.30 -14.44 -1.84
C GLN A 126 -15.70 -12.99 -2.02
N LYS A 127 -16.99 -12.70 -1.85
CA LYS A 127 -17.53 -11.35 -1.83
C LYS A 127 -18.28 -11.17 -0.52
N ILE A 128 -17.94 -10.12 0.23
CA ILE A 128 -18.58 -9.82 1.50
C ILE A 128 -19.15 -8.41 1.41
N PRO A 129 -20.46 -8.24 1.57
CA PRO A 129 -21.06 -6.90 1.47
C PRO A 129 -20.47 -5.95 2.50
N HIS A 130 -20.28 -4.70 2.07
CA HIS A 130 -19.53 -3.70 2.82
C HIS A 130 -20.26 -2.37 2.76
N ASP A 131 -20.38 -1.68 3.91
CA ASP A 131 -21.00 -0.35 3.96
C ASP A 131 -20.06 0.69 3.36
N GLY A 132 -20.35 1.13 2.14
CA GLY A 132 -19.59 2.20 1.54
C GLY A 132 -18.30 1.73 0.91
N ASP A 133 -17.58 2.70 0.32
CA ASP A 133 -16.26 2.44 -0.27
C ASP A 133 -15.35 1.70 0.71
N VAL A 134 -14.56 0.75 0.20
CA VAL A 134 -13.50 0.14 0.98
C VAL A 134 -12.26 1.01 0.80
N ASN A 135 -12.04 1.94 1.73
CA ASN A 135 -10.91 2.85 1.58
C ASN A 135 -9.59 2.14 1.83
N ARG A 136 -9.55 1.24 2.80
CA ARG A 136 -8.37 0.42 3.07
C ARG A 136 -8.85 -0.85 3.74
N ALA A 137 -8.17 -1.96 3.46
CA ALA A 137 -8.49 -3.25 4.07
C ALA A 137 -7.19 -3.93 4.51
N ARG A 138 -7.15 -4.43 5.75
CA ARG A 138 -5.94 -5.09 6.26
C ARG A 138 -6.30 -6.32 7.09
N TYR A 139 -5.56 -7.41 6.90
CA TYR A 139 -5.80 -8.62 7.68
C TYR A 139 -4.99 -8.58 8.96
N MET A 140 -5.52 -9.21 10.01
CA MET A 140 -4.79 -9.24 11.26
C MET A 140 -3.60 -10.17 11.12
N PRO A 141 -2.36 -9.69 11.32
CA PRO A 141 -1.19 -10.55 11.13
C PRO A 141 -1.27 -11.85 11.90
N GLN A 142 -1.84 -11.84 13.11
CA GLN A 142 -1.92 -13.03 13.93
C GLN A 142 -3.17 -13.88 13.64
N LYS A 143 -4.14 -13.35 12.90
CA LYS A 143 -5.37 -14.10 12.55
C LYS A 143 -5.84 -13.66 11.17
N PRO A 144 -5.24 -14.18 10.11
CA PRO A 144 -5.46 -13.62 8.77
C PRO A 144 -6.91 -13.65 8.29
N GLU A 145 -7.76 -14.43 8.94
CA GLU A 145 -9.17 -14.46 8.57
C GLU A 145 -9.94 -13.26 9.11
N ILE A 146 -9.34 -12.47 10.01
CA ILE A 146 -9.93 -11.22 10.48
C ILE A 146 -9.41 -10.08 9.60
N ILE A 147 -10.33 -9.28 9.08
CA ILE A 147 -9.96 -8.16 8.20
C ILE A 147 -10.61 -6.89 8.74
N ALA A 148 -9.80 -5.84 8.95
CA ALA A 148 -10.33 -4.52 9.29
C ALA A 148 -10.38 -3.68 8.02
N THR A 149 -11.42 -2.86 7.92
CA THR A 149 -11.57 -1.92 6.83
C THR A 149 -11.86 -0.53 7.39
N MET A 150 -11.59 0.46 6.55
CA MET A 150 -12.02 1.85 6.76
C MET A 150 -13.15 2.12 5.79
N GLY A 151 -14.33 2.46 6.31
CA GLY A 151 -15.52 2.54 5.50
C GLY A 151 -16.32 3.82 5.73
N GLU A 152 -17.64 3.66 5.59
CA GLU A 152 -18.59 4.77 5.44
C GLU A 152 -18.46 5.82 6.54
N GLY A 153 -18.17 7.05 6.13
CA GLY A 153 -18.17 8.20 7.02
C GLY A 153 -17.20 8.13 8.18
N GLY A 154 -16.23 7.22 8.16
CA GLY A 154 -15.24 7.13 9.20
C GLY A 154 -15.35 5.90 10.06
N ASN A 155 -16.47 5.18 10.03
CA ASN A 155 -16.53 3.90 10.69
C ASN A 155 -15.44 2.97 10.17
N ALA A 156 -14.83 2.23 11.07
CA ALA A 156 -14.02 1.10 10.65
C ALA A 156 -14.84 -0.16 10.90
N TYR A 157 -14.53 -1.22 10.16
CA TYR A 157 -15.30 -2.47 10.27
C TYR A 157 -14.36 -3.66 10.41
N ILE A 158 -14.78 -4.63 11.21
CA ILE A 158 -14.08 -5.91 11.35
C ILE A 158 -14.96 -6.99 10.75
N PHE A 159 -14.37 -7.83 9.89
CA PHE A 159 -15.03 -9.02 9.34
C PHE A 159 -14.19 -10.24 9.67
N ASP A 160 -14.85 -11.31 10.12
CA ASP A 160 -14.27 -12.65 10.13
C ASP A 160 -14.75 -13.35 8.87
N THR A 161 -13.85 -13.53 7.91
CA THR A 161 -14.22 -14.02 6.58
C THR A 161 -14.60 -15.50 6.58
N THR A 162 -14.32 -16.24 7.65
CA THR A 162 -14.80 -17.61 7.71
C THR A 162 -16.24 -17.68 8.22
N CYS A 163 -16.77 -16.57 8.71
CA CYS A 163 -18.17 -16.45 9.12
C CYS A 163 -19.06 -15.92 8.01
N HIS A 164 -18.51 -15.69 6.82
CA HIS A 164 -19.27 -15.26 5.65
C HIS A 164 -19.17 -16.32 4.57
N ASP A 165 -20.22 -16.41 3.76
CA ASP A 165 -20.20 -17.30 2.60
C ASP A 165 -19.35 -16.68 1.48
N ALA A 166 -19.17 -17.45 0.42
CA ALA A 166 -18.41 -16.96 -0.73
C ALA A 166 -19.15 -15.84 -1.46
N LEU A 167 -20.48 -15.88 -1.52
CA LEU A 167 -21.28 -14.85 -2.19
C LEU A 167 -22.56 -14.65 -1.37
N THR A 168 -22.81 -13.43 -0.91
CA THR A 168 -23.91 -13.19 0.02
C THR A 168 -24.89 -12.14 -0.51
N THR A 169 -26.18 -12.40 -0.24
CA THR A 169 -27.30 -11.72 -0.87
C THR A 169 -27.36 -10.23 -0.50
N GLY A 170 -27.24 -9.92 0.78
CA GLY A 170 -27.83 -8.72 1.32
C GLY A 170 -26.89 -7.55 1.49
N GLU A 171 -27.15 -6.78 2.52
CA GLU A 171 -26.29 -5.67 2.92
C GLU A 171 -25.24 -6.17 3.92
N ALA A 172 -24.30 -5.29 4.24
CA ALA A 172 -23.20 -5.65 5.11
C ALA A 172 -23.70 -6.12 6.47
N LEU A 173 -23.02 -7.12 7.03
CA LEU A 173 -23.23 -7.52 8.41
C LEU A 173 -21.87 -7.80 9.02
N PRO A 174 -21.15 -6.74 9.41
CA PRO A 174 -19.81 -6.93 9.97
C PRO A 174 -19.87 -7.49 11.38
N GLN A 175 -18.77 -8.14 11.76
CA GLN A 175 -18.64 -8.63 13.14
C GLN A 175 -18.55 -7.47 14.13
N ALA A 176 -17.97 -6.35 13.72
CA ALA A 176 -17.81 -5.22 14.62
C ALA A 176 -17.74 -3.94 13.81
N VAL A 177 -18.34 -2.88 14.34
CA VAL A 177 -18.20 -1.53 13.82
C VAL A 177 -17.38 -0.74 14.83
N LEU A 178 -16.33 -0.07 14.36
CA LEU A 178 -15.44 0.70 15.22
C LEU A 178 -15.89 2.16 15.12
N LYS A 179 -16.52 2.66 16.18
CA LYS A 179 -17.19 3.95 16.15
C LYS A 179 -16.28 5.00 16.79
N GLY A 180 -15.88 5.99 16.00
CA GLY A 180 -14.85 6.90 16.47
C GLY A 180 -14.58 8.09 15.57
N HIS A 181 -14.16 7.85 14.34
CA HIS A 181 -13.90 8.95 13.43
C HIS A 181 -15.20 9.59 12.94
N THR A 182 -15.16 10.90 12.70
CA THR A 182 -16.33 11.61 12.19
C THR A 182 -16.25 11.90 10.70
N ALA A 183 -15.20 11.44 10.02
CA ALA A 183 -15.07 11.63 8.58
C ALA A 183 -14.24 10.49 8.01
N GLU A 184 -14.39 10.25 6.71
CA GLU A 184 -13.74 9.12 6.06
C GLU A 184 -12.23 9.17 6.28
N GLY A 185 -11.60 8.00 6.22
CA GLY A 185 -10.17 7.89 6.50
C GLY A 185 -9.50 6.77 5.72
N PHE A 186 -8.17 6.86 5.62
CA PHE A 186 -7.36 5.89 4.90
C PHE A 186 -6.23 5.30 5.72
N GLY A 187 -6.00 5.76 6.94
CA GLY A 187 -4.97 5.19 7.78
C GLY A 187 -5.50 3.98 8.55
N LEU A 188 -4.79 2.86 8.45
CA LEU A 188 -5.26 1.63 9.07
C LEU A 188 -4.08 0.68 9.20
N CYS A 189 -3.81 0.22 10.43
CA CYS A 189 -2.69 -0.67 10.69
C CYS A 189 -2.94 -1.50 11.93
N TRP A 190 -2.71 -2.80 11.81
CA TRP A 190 -2.70 -3.70 12.96
C TRP A 190 -1.33 -3.69 13.65
N ASN A 191 -1.35 -3.87 14.96
CA ASN A 191 -0.11 -4.01 15.70
C ASN A 191 0.40 -5.45 15.52
N PRO A 192 1.55 -5.67 14.89
CA PRO A 192 2.03 -7.04 14.71
C PRO A 192 2.62 -7.67 15.98
N ASN A 193 2.68 -6.94 17.09
CA ASN A 193 3.18 -7.47 18.35
C ASN A 193 2.16 -7.45 19.46
N LEU A 194 0.93 -7.02 19.20
CA LEU A 194 -0.14 -7.00 20.19
C LEU A 194 -1.44 -7.37 19.49
N PRO A 195 -1.87 -8.64 19.59
CA PRO A 195 -3.01 -9.11 18.79
C PRO A 195 -4.27 -8.33 19.08
N GLY A 196 -4.90 -7.81 18.03
CA GLY A 196 -6.14 -7.06 18.16
C GLY A 196 -5.98 -5.57 18.37
N ASN A 197 -4.76 -5.08 18.49
CA ASN A 197 -4.50 -3.66 18.70
C ASN A 197 -4.38 -3.00 17.33
N LEU A 198 -5.25 -2.02 17.07
CA LEU A 198 -5.41 -1.41 15.77
C LEU A 198 -5.29 0.09 15.89
N ALA A 199 -4.67 0.75 14.90
CA ALA A 199 -4.60 2.20 14.82
C ALA A 199 -5.27 2.69 13.53
N THR A 200 -6.04 3.78 13.61
CA THR A 200 -6.64 4.37 12.43
C THR A 200 -6.37 5.87 12.42
N GLY A 201 -6.38 6.46 11.22
CA GLY A 201 -6.26 7.89 11.04
C GLY A 201 -7.12 8.36 9.89
N ALA A 202 -7.76 9.53 10.01
CA ALA A 202 -8.79 9.92 9.06
C ALA A 202 -8.73 11.42 8.77
N GLU A 203 -9.65 11.88 7.91
CA GLU A 203 -9.70 13.28 7.51
C GLU A 203 -10.29 14.19 8.60
N ASP A 204 -10.65 13.64 9.75
CA ASP A 204 -11.04 14.44 10.90
C ASP A 204 -9.85 14.86 11.73
N GLN A 205 -8.62 14.56 11.26
CA GLN A 205 -7.34 14.91 11.89
C GLN A 205 -7.05 14.11 13.15
N VAL A 206 -7.72 12.98 13.35
CA VAL A 206 -7.64 12.21 14.58
C VAL A 206 -7.00 10.85 14.31
N ILE A 207 -6.21 10.38 15.26
CA ILE A 207 -5.74 9.01 15.29
C ILE A 207 -6.48 8.30 16.41
N CYS A 208 -7.06 7.14 16.11
CA CYS A 208 -7.71 6.30 17.11
C CYS A 208 -6.91 5.02 17.34
N LEU A 209 -6.84 4.59 18.59
CA LEU A 209 -6.29 3.29 18.92
C LEU A 209 -7.42 2.39 19.40
N TRP A 210 -7.38 1.11 19.04
CA TRP A 210 -8.48 0.22 19.34
C TRP A 210 -7.98 -1.12 19.86
N ASP A 211 -8.82 -1.75 20.68
CA ASP A 211 -8.57 -3.13 21.14
C ASP A 211 -9.70 -4.00 20.60
N VAL A 212 -9.39 -4.80 19.59
CA VAL A 212 -10.36 -5.68 18.96
C VAL A 212 -10.18 -7.07 19.53
N GLN A 213 -11.17 -7.53 20.31
CA GLN A 213 -11.17 -8.86 20.92
C GLN A 213 -12.15 -9.75 20.13
N THR A 214 -11.60 -10.64 19.31
CA THR A 214 -12.43 -11.43 18.40
C THR A 214 -13.29 -12.45 19.13
N GLN A 215 -12.87 -12.92 20.30
CA GLN A 215 -13.63 -13.90 21.08
C GLN A 215 -15.07 -13.45 21.34
N SER A 216 -15.30 -12.15 21.53
CA SER A 216 -16.67 -11.69 21.76
C SER A 216 -17.53 -11.73 20.51
N PHE A 217 -17.00 -12.13 19.36
CA PHE A 217 -17.74 -12.06 18.11
C PHE A 217 -18.79 -13.16 18.02
N THR A 218 -19.83 -12.89 17.25
CA THR A 218 -20.76 -13.92 16.79
C THR A 218 -21.02 -13.72 15.30
N SER A 219 -21.72 -14.69 14.71
CA SER A 219 -22.27 -14.52 13.37
C SER A 219 -23.59 -13.78 13.37
N SER A 220 -24.24 -13.68 14.54
CA SER A 220 -25.57 -13.10 14.63
C SER A 220 -25.53 -11.57 14.49
N GLU A 221 -24.82 -10.90 15.38
CA GLU A 221 -24.95 -9.46 15.52
C GLU A 221 -23.59 -8.77 15.46
N THR A 222 -23.64 -7.48 15.14
CA THR A 222 -22.46 -6.62 15.08
C THR A 222 -22.13 -6.06 16.45
N LYS A 223 -20.89 -6.25 16.90
CA LYS A 223 -20.40 -5.60 18.10
C LYS A 223 -20.04 -4.14 17.82
N VAL A 224 -20.18 -3.31 18.84
CA VAL A 224 -19.78 -1.90 18.78
C VAL A 224 -18.53 -1.76 19.63
N ILE A 225 -17.45 -1.29 19.01
CA ILE A 225 -16.20 -1.02 19.70
C ILE A 225 -15.93 0.46 19.61
N SER A 226 -15.44 1.05 20.70
CA SER A 226 -15.03 2.44 20.70
C SER A 226 -13.55 2.53 21.08
N PRO A 227 -12.88 3.64 20.75
CA PRO A 227 -11.42 3.71 20.90
C PRO A 227 -10.99 3.56 22.35
N ILE A 228 -9.81 2.97 22.55
CA ILE A 228 -9.20 3.04 23.87
C ILE A 228 -8.36 4.30 24.05
N ALA A 229 -8.03 5.00 22.97
CA ALA A 229 -7.37 6.30 23.04
C ALA A 229 -7.59 7.01 21.71
N LYS A 230 -7.59 8.35 21.77
CA LYS A 230 -7.64 9.22 20.60
C LYS A 230 -6.50 10.21 20.73
N TYR A 231 -5.82 10.50 19.62
CA TYR A 231 -4.81 11.55 19.55
C TYR A 231 -5.34 12.70 18.73
N HIS A 232 -5.23 13.92 19.25
CA HIS A 232 -5.48 15.10 18.43
C HIS A 232 -4.18 15.86 18.19
N ARG A 233 -3.24 15.22 17.50
CA ARG A 233 -1.88 15.73 17.39
C ARG A 233 -1.56 16.30 16.02
N HIS A 234 -2.49 16.22 15.08
CA HIS A 234 -2.33 16.76 13.76
C HIS A 234 -3.32 17.90 13.54
N THR A 235 -3.00 18.77 12.58
CA THR A 235 -3.84 19.92 12.28
C THR A 235 -4.39 19.83 10.86
N ASP A 236 -4.33 18.65 10.27
CA ASP A 236 -4.88 18.41 8.94
C ASP A 236 -5.10 16.91 8.82
N ILE A 237 -5.57 16.49 7.65
CA ILE A 237 -5.89 15.08 7.41
C ILE A 237 -4.71 14.18 7.80
N VAL A 238 -5.01 13.07 8.48
CA VAL A 238 -4.01 12.07 8.83
C VAL A 238 -4.03 11.00 7.74
N ASN A 239 -2.91 10.88 7.00
CA ASN A 239 -2.94 10.05 5.78
C ASN A 239 -2.51 8.62 6.00
N ASP A 240 -1.65 8.34 6.97
CA ASP A 240 -1.09 7.00 7.13
C ASP A 240 -0.65 6.86 8.58
N VAL A 241 -0.81 5.66 9.12
CA VAL A 241 -0.28 5.30 10.42
C VAL A 241 0.37 3.93 10.26
N GLN A 242 1.43 3.68 11.02
CA GLN A 242 2.04 2.35 11.00
C GLN A 242 2.70 2.09 12.34
N PHE A 243 2.47 0.89 12.87
CA PHE A 243 3.18 0.43 14.06
C PHE A 243 4.59 0.01 13.69
N HIS A 244 5.52 0.27 14.59
CA HIS A 244 6.87 -0.24 14.41
C HIS A 244 6.84 -1.77 14.44
N PRO A 245 7.48 -2.43 13.47
CA PRO A 245 7.39 -3.91 13.42
C PRO A 245 8.00 -4.61 14.63
N GLN A 246 8.99 -4.01 15.30
CA GLN A 246 9.66 -4.66 16.43
C GLN A 246 9.40 -3.96 17.76
N HIS A 247 8.51 -2.98 17.82
CA HIS A 247 8.25 -2.30 19.08
C HIS A 247 6.76 -2.01 19.19
N GLU A 248 6.10 -2.68 20.15
CA GLU A 248 4.64 -2.67 20.28
C GLU A 248 4.07 -1.30 20.65
N ALA A 249 4.87 -0.37 21.17
CA ALA A 249 4.31 0.88 21.64
C ALA A 249 4.63 2.07 20.73
N LEU A 250 5.37 1.86 19.65
CA LEU A 250 5.78 2.92 18.73
C LEU A 250 4.81 2.97 17.54
N LEU A 251 4.17 4.12 17.36
CA LEU A 251 3.28 4.36 16.23
C LEU A 251 3.75 5.59 15.46
N ALA A 252 3.92 5.46 14.16
CA ALA A 252 4.29 6.58 13.30
C ALA A 252 3.08 7.07 12.54
N SER A 253 2.99 8.39 12.33
CA SER A 253 1.89 8.96 11.56
C SER A 253 2.38 10.12 10.69
N VAL A 254 1.71 10.31 9.55
CA VAL A 254 2.04 11.37 8.62
C VAL A 254 0.77 12.07 8.18
N SER A 255 0.88 13.34 7.81
CA SER A 255 -0.31 14.14 7.63
C SER A 255 -0.15 15.16 6.52
N ASP A 256 -1.30 15.69 6.08
CA ASP A 256 -1.32 16.86 5.22
C ASP A 256 -0.78 18.11 5.92
N ASP A 257 -0.68 18.12 7.26
CA ASP A 257 -0.03 19.22 7.95
C ASP A 257 1.49 19.18 7.84
N CYS A 258 2.05 18.24 7.09
CA CYS A 258 3.46 18.20 6.71
C CYS A 258 4.38 17.73 7.83
N THR A 259 3.82 17.11 8.89
CA THR A 259 4.65 16.52 9.93
C THR A 259 4.64 15.01 9.84
N LEU A 260 5.75 14.43 10.26
CA LEU A 260 5.87 13.05 10.65
C LEU A 260 5.96 13.03 12.18
N GLN A 261 5.11 12.23 12.82
CA GLN A 261 5.12 12.19 14.28
C GLN A 261 5.34 10.75 14.72
N ILE A 262 6.10 10.59 15.80
CA ILE A 262 6.35 9.29 16.43
C ILE A 262 5.66 9.29 17.79
N HIS A 263 4.72 8.38 17.96
CA HIS A 263 3.92 8.32 19.16
C HIS A 263 4.38 7.13 20.01
N ASP A 264 4.52 7.35 21.32
CA ASP A 264 4.69 6.28 22.29
C ASP A 264 3.32 6.00 22.86
N THR A 265 2.82 4.81 22.60
CA THR A 265 1.43 4.52 22.89
C THR A 265 1.16 4.27 24.37
N ARG A 266 2.20 4.24 25.20
CA ARG A 266 2.03 4.07 26.63
C ARG A 266 1.77 5.39 27.35
N LEU A 267 1.98 6.52 26.68
CA LEU A 267 1.96 7.82 27.34
C LEU A 267 0.61 8.50 27.21
N ASN A 268 0.43 9.52 28.04
CA ASN A 268 -0.68 10.48 28.07
C ASN A 268 -1.08 10.92 26.67
N PRO A 269 -2.25 10.52 26.17
CA PRO A 269 -2.64 10.89 24.80
C PRO A 269 -2.82 12.38 24.58
N GLU A 270 -3.05 13.16 25.64
CA GLU A 270 -3.23 14.60 25.50
C GLU A 270 -1.92 15.36 25.35
N GLU A 271 -0.79 14.71 25.68
CA GLU A 271 0.51 15.34 25.48
C GLU A 271 0.86 15.42 23.99
N GLU A 272 1.92 16.18 23.71
CA GLU A 272 2.54 16.18 22.39
C GLU A 272 3.26 14.85 22.14
N ALA A 273 3.35 14.46 20.87
CA ALA A 273 4.10 13.26 20.54
C ALA A 273 5.57 13.44 20.94
N PRO A 274 6.26 12.36 21.32
CA PRO A 274 7.69 12.47 21.66
C PRO A 274 8.56 13.01 20.52
N LYS A 275 8.17 12.82 19.27
CA LYS A 275 8.90 13.38 18.13
C LYS A 275 7.92 13.96 17.14
N VAL A 276 8.02 15.26 16.88
CA VAL A 276 7.31 15.89 15.78
C VAL A 276 8.35 16.36 14.79
N ILE A 277 8.32 15.82 13.58
CA ILE A 277 9.36 16.04 12.57
C ILE A 277 8.75 16.81 11.40
N GLN A 278 9.34 17.97 11.09
CA GLN A 278 8.93 18.77 9.93
C GLN A 278 9.58 18.16 8.70
N ALA A 279 8.98 17.06 8.23
CA ALA A 279 9.69 16.16 7.33
C ALA A 279 9.74 16.69 5.91
N HIS A 280 8.67 17.34 5.45
CA HIS A 280 8.57 17.84 4.09
C HIS A 280 7.90 19.19 4.17
N SER A 281 7.99 19.95 3.09
CA SER A 281 7.32 21.23 3.02
C SER A 281 5.95 21.13 2.36
N LYS A 282 5.59 19.95 1.86
CA LYS A 282 4.27 19.65 1.31
C LYS A 282 3.74 18.39 1.98
N ALA A 283 2.45 18.14 1.75
CA ALA A 283 1.73 17.05 2.40
C ALA A 283 2.48 15.72 2.35
N ILE A 284 2.38 14.94 3.42
CA ILE A 284 3.00 13.63 3.51
C ILE A 284 1.90 12.57 3.49
N ASN A 285 2.01 11.65 2.54
CA ASN A 285 0.94 10.71 2.25
C ASN A 285 1.18 9.32 2.82
N ALA A 286 2.44 8.94 3.06
CA ALA A 286 2.74 7.58 3.50
C ALA A 286 3.99 7.57 4.37
N VAL A 287 4.04 6.58 5.27
CA VAL A 287 5.21 6.29 6.09
C VAL A 287 5.39 4.79 6.04
N ALA A 288 6.65 4.35 6.12
CA ALA A 288 6.98 2.93 6.02
C ALA A 288 8.26 2.68 6.81
N ILE A 289 8.18 1.83 7.83
CA ILE A 289 9.29 1.53 8.72
C ILE A 289 9.98 0.25 8.25
N ASN A 290 11.30 0.32 8.08
CA ASN A 290 12.03 -0.81 7.51
C ASN A 290 11.90 -2.03 8.42
N PRO A 291 11.56 -3.21 7.89
CA PRO A 291 11.33 -4.38 8.75
C PRO A 291 12.60 -5.09 9.19
N PHE A 292 13.77 -4.66 8.71
CA PHE A 292 15.05 -5.24 9.09
C PHE A 292 15.91 -4.30 9.90
N ASN A 293 15.93 -3.02 9.55
CA ASN A 293 16.72 -2.01 10.25
C ASN A 293 15.74 -1.19 11.08
N ASP A 294 15.74 -1.42 12.40
CA ASP A 294 14.71 -0.87 13.28
C ASP A 294 14.71 0.66 13.34
N TYR A 295 15.79 1.30 12.89
CA TYR A 295 15.88 2.75 12.97
C TYR A 295 15.54 3.45 11.66
N LEU A 296 15.26 2.70 10.60
CA LEU A 296 15.19 3.28 9.26
C LEU A 296 13.73 3.45 8.86
N LEU A 297 13.40 4.61 8.35
CA LEU A 297 12.02 5.01 8.14
C LEU A 297 11.95 5.83 6.86
N ALA A 298 10.87 5.67 6.09
CA ALA A 298 10.70 6.40 4.83
C ALA A 298 9.38 7.15 4.83
N THR A 299 9.36 8.32 4.18
CA THR A 299 8.14 9.11 4.02
C THR A 299 7.93 9.46 2.55
N ALA A 300 6.67 9.61 2.16
CA ALA A 300 6.30 9.90 0.78
C ALA A 300 5.45 11.16 0.76
N SER A 301 5.76 12.08 -0.16
CA SER A 301 5.20 13.42 -0.07
C SER A 301 4.72 13.89 -1.44
N ALA A 302 3.79 14.85 -1.40
CA ALA A 302 3.35 15.57 -2.60
C ALA A 302 4.47 16.40 -3.23
N ASP A 303 5.59 16.62 -2.52
CA ASP A 303 6.75 17.27 -3.10
C ASP A 303 7.53 16.36 -4.13
N LYS A 304 7.00 15.18 -4.47
CA LYS A 304 7.52 14.24 -5.47
C LYS A 304 8.68 13.39 -4.94
N THR A 305 8.99 13.44 -3.66
CA THR A 305 10.15 12.72 -3.17
C THR A 305 9.78 11.73 -2.09
N VAL A 306 10.71 10.81 -1.85
CA VAL A 306 10.70 9.93 -0.69
C VAL A 306 11.92 10.27 0.16
N ALA A 307 11.70 10.57 1.43
CA ALA A 307 12.79 10.90 2.33
C ALA A 307 13.07 9.72 3.25
N LEU A 308 14.36 9.49 3.54
CA LEU A 308 14.78 8.46 4.47
C LEU A 308 15.24 9.11 5.77
N TRP A 309 14.89 8.47 6.89
CA TRP A 309 15.08 8.97 8.24
C TRP A 309 15.67 7.88 9.10
N ASP A 310 16.57 8.28 9.99
CA ASP A 310 17.08 7.49 11.11
C ASP A 310 16.47 8.03 12.40
N LEU A 311 15.84 7.15 13.17
CA LEU A 311 15.17 7.54 14.41
C LEU A 311 16.12 8.04 15.49
N ARG A 312 17.42 7.78 15.37
CA ARG A 312 18.37 8.25 16.36
C ARG A 312 18.83 9.69 16.10
N ASN A 313 18.57 10.23 14.91
CA ASN A 313 18.70 11.65 14.63
C ASN A 313 17.53 12.01 13.75
N PRO A 314 16.33 12.10 14.33
CA PRO A 314 15.12 12.15 13.52
C PRO A 314 14.86 13.48 12.84
N TYR A 315 15.63 14.52 13.11
CA TYR A 315 15.25 15.86 12.67
C TYR A 315 15.89 16.29 11.36
N GLN A 316 16.92 15.60 10.89
CA GLN A 316 17.36 15.82 9.51
C GLN A 316 17.38 14.49 8.77
N ARG A 317 16.97 14.54 7.50
CA ARG A 317 16.83 13.29 6.78
C ARG A 317 18.20 12.76 6.36
N LEU A 318 18.23 11.46 6.08
CA LEU A 318 19.43 10.78 5.60
C LEU A 318 19.64 10.99 4.12
N HIS A 319 18.56 11.03 3.36
CA HIS A 319 18.68 10.97 1.91
C HIS A 319 17.31 11.30 1.33
N THR A 320 17.32 11.77 0.09
CA THR A 320 16.11 12.06 -0.66
C THR A 320 16.14 11.21 -1.92
N LEU A 321 15.10 10.40 -2.10
CA LEU A 321 14.96 9.60 -3.32
C LEU A 321 14.13 10.39 -4.32
N GLU A 322 14.74 10.74 -5.44
CA GLU A 322 14.13 11.57 -6.47
C GLU A 322 14.02 10.75 -7.75
N GLY A 323 12.86 10.81 -8.38
CA GLY A 323 12.62 10.08 -9.61
C GLY A 323 11.17 10.19 -10.05
N HIS A 324 10.25 10.27 -9.10
CA HIS A 324 8.87 10.47 -9.47
C HIS A 324 8.66 11.87 -10.05
N GLU A 325 7.65 11.98 -10.89
CA GLU A 325 7.32 13.21 -11.61
C GLU A 325 6.09 13.90 -11.05
N ASP A 326 5.53 13.38 -9.95
CA ASP A 326 4.31 13.90 -9.38
C ASP A 326 4.25 13.42 -7.94
N GLU A 327 3.11 13.68 -7.27
CA GLU A 327 2.97 13.29 -5.87
C GLU A 327 3.25 11.81 -5.66
N VAL A 328 3.95 11.49 -4.57
CA VAL A 328 4.16 10.12 -4.15
C VAL A 328 3.13 9.79 -3.07
N TYR A 329 2.42 8.68 -3.25
CA TYR A 329 1.32 8.24 -2.40
C TYR A 329 1.59 6.91 -1.71
N GLY A 330 2.03 5.90 -2.45
CA GLY A 330 2.23 4.58 -1.90
C GLY A 330 3.68 4.34 -1.54
N LEU A 331 3.89 3.52 -0.52
CA LEU A 331 5.23 3.25 -0.01
C LEU A 331 5.24 1.91 0.73
N GLU A 332 6.17 1.02 0.35
CA GLU A 332 6.26 -0.27 1.03
C GLU A 332 7.67 -0.81 0.88
N TRP A 333 8.33 -1.06 2.02
CA TRP A 333 9.57 -1.80 2.02
C TRP A 333 9.36 -3.23 1.55
N SER A 334 10.37 -3.77 0.89
CA SER A 334 10.36 -5.18 0.54
C SER A 334 10.35 -6.03 1.82
N PRO A 335 9.45 -7.01 1.94
CA PRO A 335 9.51 -7.89 3.12
C PRO A 335 10.66 -8.88 3.08
N HIS A 336 11.42 -8.95 1.98
CA HIS A 336 12.49 -9.93 1.83
C HIS A 336 13.90 -9.34 1.83
N ASP A 337 14.08 -8.07 1.47
CA ASP A 337 15.42 -7.53 1.30
C ASP A 337 15.50 -6.16 1.96
N GLU A 338 16.36 -6.03 2.96
CA GLU A 338 16.51 -4.78 3.70
C GLU A 338 16.71 -3.53 2.84
N PRO A 339 17.50 -3.53 1.76
CA PRO A 339 17.75 -2.27 1.04
C PRO A 339 16.70 -1.87 0.01
N ILE A 340 15.63 -2.65 -0.18
CA ILE A 340 14.73 -2.48 -1.31
C ILE A 340 13.44 -1.83 -0.86
N LEU A 341 13.06 -0.73 -1.53
CA LEU A 341 11.86 0.05 -1.26
C LEU A 341 11.11 0.30 -2.56
N ALA A 342 9.78 0.23 -2.51
CA ALA A 342 8.94 0.55 -3.65
C ALA A 342 8.04 1.75 -3.32
N SER A 343 7.79 2.60 -4.32
CA SER A 343 6.90 3.73 -4.15
C SER A 343 6.06 3.89 -5.40
N SER A 344 4.87 4.46 -5.23
CA SER A 344 3.98 4.70 -6.34
C SER A 344 3.52 6.15 -6.26
N SER A 345 3.03 6.65 -7.39
CA SER A 345 2.89 8.09 -7.56
C SER A 345 1.76 8.38 -8.54
N THR A 346 1.23 9.60 -8.48
CA THR A 346 0.26 9.97 -9.51
C THR A 346 0.90 10.13 -10.88
N ASP A 347 2.23 10.01 -11.01
CA ASP A 347 2.87 9.94 -12.32
C ASP A 347 2.65 8.58 -13.00
N ARG A 348 1.88 7.66 -12.38
CA ARG A 348 1.48 6.36 -12.94
C ARG A 348 2.62 5.34 -12.97
N ARG A 349 3.67 5.54 -12.18
CA ARG A 349 4.78 4.60 -12.10
C ARG A 349 4.86 4.02 -10.70
N VAL A 350 5.27 2.75 -10.62
CA VAL A 350 5.82 2.19 -9.40
C VAL A 350 7.33 2.11 -9.59
N CYS A 351 8.08 2.67 -8.64
CA CYS A 351 9.53 2.67 -8.68
C CYS A 351 10.07 1.79 -7.56
N ILE A 352 11.10 1.01 -7.89
CA ILE A 352 11.84 0.23 -6.90
C ILE A 352 13.22 0.86 -6.69
N TRP A 353 13.55 1.13 -5.43
CA TRP A 353 14.81 1.76 -5.05
C TRP A 353 15.69 0.73 -4.37
N ASP A 354 16.98 0.76 -4.70
CA ASP A 354 17.99 -0.10 -4.08
C ASP A 354 18.95 0.81 -3.32
N LEU A 355 18.82 0.86 -1.98
CA LEU A 355 19.61 1.82 -1.20
C LEU A 355 21.09 1.51 -1.23
N GLU A 356 21.49 0.28 -1.60
CA GLU A 356 22.92 -0.03 -1.66
C GLU A 356 23.59 0.60 -2.87
N LYS A 357 22.82 1.03 -3.86
CA LYS A 357 23.39 1.70 -5.03
C LYS A 357 23.49 3.23 -4.86
N ILE A 358 23.17 3.76 -3.68
CA ILE A 358 23.35 5.19 -3.41
C ILE A 358 24.83 5.54 -3.48
N GLY A 359 25.15 6.60 -4.23
CA GLY A 359 26.50 7.09 -4.32
C GLY A 359 27.37 6.40 -5.35
N GLU A 360 26.80 5.52 -6.16
CA GLU A 360 27.59 4.71 -7.05
C GLU A 360 27.87 5.45 -8.36
N GLU A 361 29.10 5.30 -8.85
CA GLU A 361 29.53 5.97 -10.07
C GLU A 361 28.66 5.56 -11.25
N GLN A 362 28.29 6.55 -12.06
CA GLN A 362 27.49 6.32 -13.26
C GLN A 362 28.22 6.80 -14.50
N THR A 363 27.88 6.19 -15.63
CA THR A 363 28.27 6.76 -16.91
C THR A 363 27.23 7.79 -17.33
N PRO A 364 27.60 8.73 -18.21
CA PRO A 364 26.60 9.68 -18.70
C PRO A 364 25.37 9.03 -19.28
N GLU A 365 25.54 7.96 -20.07
CA GLU A 365 24.38 7.32 -20.68
C GLU A 365 23.51 6.64 -19.63
N ASP A 366 24.12 6.05 -18.59
CA ASP A 366 23.31 5.47 -17.52
C ASP A 366 22.62 6.56 -16.71
N ALA A 367 23.31 7.68 -16.45
CA ALA A 367 22.75 8.79 -15.70
C ALA A 367 21.51 9.39 -16.36
N GLU A 368 21.30 9.17 -17.67
CA GLU A 368 20.09 9.65 -18.32
C GLU A 368 18.82 9.06 -17.73
N ASP A 369 18.90 7.94 -17.01
CA ASP A 369 17.72 7.32 -16.42
C ASP A 369 17.42 7.82 -15.01
N GLY A 370 18.32 8.59 -14.41
CA GLY A 370 18.15 9.08 -13.05
C GLY A 370 19.23 8.54 -12.14
N SER A 371 19.05 8.80 -10.84
CA SER A 371 20.03 8.42 -9.84
C SER A 371 20.23 6.91 -9.82
N PRO A 372 21.39 6.44 -9.37
CA PRO A 372 21.68 4.99 -9.43
C PRO A 372 20.81 4.16 -8.50
N GLU A 373 20.41 4.72 -7.35
CA GLU A 373 19.55 3.98 -6.42
C GLU A 373 18.15 3.72 -6.97
N LEU A 374 17.80 4.27 -8.13
CA LEU A 374 16.52 3.92 -8.76
C LEU A 374 16.74 2.63 -9.54
N LEU A 375 16.29 1.50 -8.99
CA LEU A 375 16.63 0.22 -9.59
C LEU A 375 15.74 -0.09 -10.80
N PHE A 376 14.45 0.19 -10.69
CA PHE A 376 13.52 -0.32 -11.68
C PHE A 376 12.29 0.56 -11.67
N MET A 377 11.71 0.79 -12.84
CA MET A 377 10.48 1.56 -12.98
C MET A 377 9.43 0.68 -13.67
N HIS A 378 8.28 0.52 -13.02
CA HIS A 378 7.15 -0.19 -13.61
C HIS A 378 6.20 0.82 -14.21
N GLY A 379 6.12 0.85 -15.55
CA GLY A 379 5.25 1.80 -16.19
C GLY A 379 4.07 1.19 -16.92
N GLY A 380 3.52 0.11 -16.38
CA GLY A 380 2.45 -0.58 -17.07
C GLY A 380 1.05 -0.07 -16.80
N HIS A 381 0.87 0.82 -15.83
CA HIS A 381 -0.47 1.31 -15.53
C HIS A 381 -0.79 2.53 -16.38
N THR A 382 -2.08 2.74 -16.59
CA THR A 382 -2.58 3.75 -17.51
C THR A 382 -3.54 4.72 -16.83
N ASN A 383 -3.75 4.57 -15.52
CA ASN A 383 -4.44 5.56 -14.71
C ASN A 383 -3.67 5.70 -13.40
N ARG A 384 -4.20 6.46 -12.46
CA ARG A 384 -3.48 6.65 -11.19
C ARG A 384 -3.44 5.34 -10.41
N ILE A 385 -2.26 5.07 -9.82
CA ILE A 385 -2.12 3.87 -9.01
C ILE A 385 -2.84 4.06 -7.68
N SER A 386 -3.70 3.11 -7.33
CA SER A 386 -4.41 3.15 -6.06
C SER A 386 -3.55 2.62 -4.93
N GLU A 387 -3.02 1.41 -5.09
CA GLU A 387 -2.26 0.73 -4.05
C GLU A 387 -1.50 -0.41 -4.72
N PHE A 388 -0.42 -0.84 -4.06
CA PHE A 388 0.35 -2.00 -4.49
C PHE A 388 0.78 -2.74 -3.23
N SER A 389 1.25 -3.99 -3.41
CA SER A 389 1.62 -4.83 -2.29
C SER A 389 2.66 -5.85 -2.75
N TRP A 390 3.75 -5.97 -2.00
CA TRP A 390 4.76 -6.99 -2.23
C TRP A 390 4.22 -8.37 -1.87
N CYS A 391 4.45 -9.35 -2.74
CA CYS A 391 4.02 -10.71 -2.47
C CYS A 391 4.89 -11.32 -1.38
N PRO A 392 4.31 -11.83 -0.29
CA PRO A 392 5.14 -12.39 0.79
C PRO A 392 5.65 -13.80 0.55
N ASN A 393 5.14 -14.53 -0.44
CA ASN A 393 5.55 -15.90 -0.70
C ASN A 393 6.42 -16.06 -1.93
N GLU A 394 6.75 -14.98 -2.64
CA GLU A 394 7.57 -15.03 -3.82
C GLU A 394 8.52 -13.85 -3.79
N ARG A 395 9.78 -14.08 -4.16
CA ARG A 395 10.70 -12.96 -4.19
C ARG A 395 10.44 -12.12 -5.44
N TRP A 396 10.43 -10.79 -5.26
CA TRP A 396 10.41 -9.83 -6.36
C TRP A 396 9.12 -9.90 -7.16
N VAL A 397 7.99 -10.01 -6.48
CA VAL A 397 6.67 -9.98 -7.10
C VAL A 397 5.85 -8.88 -6.44
N VAL A 398 5.26 -8.00 -7.24
CA VAL A 398 4.41 -6.91 -6.77
C VAL A 398 3.02 -7.10 -7.39
N GLY A 399 1.99 -6.85 -6.60
CA GLY A 399 0.63 -6.64 -7.13
C GLY A 399 0.28 -5.17 -7.00
N SER A 400 -0.14 -4.56 -8.12
CA SER A 400 -0.50 -3.15 -8.10
C SER A 400 -1.80 -2.91 -8.87
N LEU A 401 -2.58 -1.94 -8.39
CA LEU A 401 -3.87 -1.58 -8.93
C LEU A 401 -3.85 -0.15 -9.43
N ALA A 402 -4.67 0.13 -10.44
CA ALA A 402 -4.88 1.49 -10.91
C ALA A 402 -6.38 1.74 -11.00
N ASP A 403 -6.73 3.02 -11.10
CA ASP A 403 -8.13 3.43 -11.07
C ASP A 403 -8.94 2.92 -12.27
N ASP A 404 -8.28 2.54 -13.35
CA ASP A 404 -8.99 2.03 -14.52
C ASP A 404 -9.23 0.52 -14.47
N ASN A 405 -9.44 -0.05 -13.27
CA ASN A 405 -9.87 -1.44 -13.08
C ASN A 405 -8.77 -2.47 -13.35
N ILE A 406 -7.53 -2.06 -13.50
CA ILE A 406 -6.46 -2.95 -13.92
C ILE A 406 -5.68 -3.43 -12.70
N LEU A 407 -5.62 -4.74 -12.52
CA LEU A 407 -4.72 -5.41 -11.58
C LEU A 407 -3.54 -5.98 -12.35
N GLN A 408 -2.33 -5.68 -11.92
CA GLN A 408 -1.13 -6.22 -12.54
C GLN A 408 -0.28 -6.91 -11.49
N ILE A 409 0.15 -8.13 -11.81
CA ILE A 409 1.05 -8.90 -10.97
C ILE A 409 2.34 -9.09 -11.75
N TRP A 410 3.44 -8.53 -11.25
CA TRP A 410 4.64 -8.48 -12.08
C TRP A 410 5.90 -8.71 -11.26
N SER A 411 6.95 -9.05 -11.97
CA SER A 411 8.26 -9.34 -11.41
C SER A 411 9.31 -8.79 -12.36
N PRO A 412 10.16 -7.87 -11.92
CA PRO A 412 11.22 -7.41 -12.81
C PRO A 412 12.22 -8.53 -13.06
N SER A 413 12.94 -8.40 -14.15
CA SER A 413 13.88 -9.42 -14.58
C SER A 413 15.01 -9.62 -13.57
N ARG A 414 15.30 -10.88 -13.25
CA ARG A 414 16.38 -11.20 -12.33
C ARG A 414 17.72 -10.63 -12.77
N VAL A 415 17.88 -10.36 -14.07
CA VAL A 415 19.11 -9.70 -14.53
C VAL A 415 19.24 -8.33 -13.87
N ILE A 416 18.12 -7.65 -13.62
CA ILE A 416 18.17 -6.32 -13.02
C ILE A 416 18.43 -6.39 -11.52
N TRP A 417 17.79 -7.33 -10.80
CA TRP A 417 17.89 -7.31 -9.34
C TRP A 417 18.86 -8.34 -8.75
N GLY A 418 19.30 -9.33 -9.53
CA GLY A 418 20.30 -10.27 -9.04
C GLY A 418 21.73 -9.76 -9.15
N ASN B 99 9.21 11.95 -20.15
CA ASN B 99 8.77 11.13 -19.02
C ASN B 99 9.02 9.65 -19.24
N ARG B 100 10.10 9.13 -18.67
CA ARG B 100 10.43 7.73 -18.82
C ARG B 100 9.24 6.85 -18.43
N VAL B 101 9.00 5.84 -19.24
CA VAL B 101 8.09 4.76 -18.86
C VAL B 101 8.84 3.52 -18.42
N PHE B 102 10.14 3.46 -18.70
CA PHE B 102 11.04 2.43 -18.17
C PHE B 102 12.45 2.98 -18.23
N LEU B 103 13.36 2.33 -17.51
CA LEU B 103 14.76 2.72 -17.51
C LEU B 103 15.48 2.02 -18.67
N ARG B 104 16.13 2.81 -19.52
CA ARG B 104 16.85 2.23 -20.65
C ARG B 104 18.03 1.36 -20.19
N ARG B 105 18.69 1.75 -19.09
CA ARG B 105 19.77 0.90 -18.60
C ARG B 105 19.26 -0.48 -18.16
N ASN B 106 17.99 -0.58 -17.73
CA ASN B 106 17.40 -1.90 -17.46
C ASN B 106 17.36 -2.74 -18.73
N VAL B 107 16.84 -2.19 -19.83
CA VAL B 107 16.79 -2.91 -21.09
C VAL B 107 18.18 -3.30 -21.55
N ARG B 108 19.12 -2.36 -21.51
CA ARG B 108 20.50 -2.66 -21.88
C ARG B 108 21.06 -3.84 -21.07
N ALA B 109 20.75 -3.88 -19.78
CA ALA B 109 21.22 -4.98 -18.93
C ALA B 109 20.60 -6.31 -19.35
N VAL B 110 19.32 -6.30 -19.73
CA VAL B 110 18.62 -7.55 -20.00
C VAL B 110 18.89 -8.02 -21.43
N LYS B 111 19.00 -7.09 -22.37
CA LYS B 111 19.14 -7.46 -23.79
C LYS B 111 20.45 -8.21 -24.04
N MET B 112 21.53 -7.79 -23.39
CA MET B 112 22.84 -8.43 -23.61
C MET B 112 23.13 -9.51 -22.57
#